data_3SM9
#
_entry.id   3SM9
#
_cell.length_a   83.402
_cell.length_b   98.633
_cell.length_c   203.513
_cell.angle_alpha   90.000
_cell.angle_beta   90.000
_cell.angle_gamma   90.000
#
_symmetry.space_group_name_H-M   'I 2 2 2'
#
loop_
_entity.id
_entity.type
_entity.pdbx_description
1 polymer 'Metabotropic glutamate receptor 3'
2 non-polymer 'SULFATE ION'
3 non-polymer 2-[(1S,2S)-2-carboxycyclopropyl]-3-(9H-xanthen-9-yl)-D-alanine
4 non-polymer 'CHLORIDE ION'
5 water water
#
_entity_poly.entity_id   1
_entity_poly.type   'polypeptide(L)'
_entity_poly.pdbx_seq_one_letter_code
;HNFLRREIKIEGDLVLGGLFPINEKGTGTEECGRINEDRGIQRLEAMLFAIDEINKDDYLLPGVKLGVHILDTCSRDTYA
LEQSLEFVRASLTKVDEAEYMCPDGSYAIQENIPLLIAGVIGGSYSSVSIQVANLLRLFQIPQISYASTSAKLSDKSRYD
YFARTVPPDFYQAKAMAEILRFFNWTYVSTVASEGDYGETGIEAFEQEARLRNISIATAEKVGRSNIRKSYDSVIRELLQ
KPNARVVVLFMRSDDSRELIAAASRANASFTWVASDGWGAQESIIKGSEHVAYGAITLELASQPVRQFDRYFQSLNPYNN
HRNPWFRDFWEQKFQCSLQNKRNHRRVCDKHLAIDSSNYEQESKIMFVVNAVYAMAHALHKMQRTLCPNTTKLCDAMKIL
DGKKLYKDYLLKINFTAPFNPNKDADSIVKFDTFGDGMGRYNVFNFQNVGGKYSYLKVGHWAETLSLDVNSIHWSRNSV
;
_entity_poly.pdbx_strand_id   A
#
loop_
_chem_comp.id
_chem_comp.type
_chem_comp.name
_chem_comp.formula
CL non-polymer 'CHLORIDE ION' 'Cl -1'
SO4 non-polymer 'SULFATE ION' 'O4 S -2'
Z99 non-polymer 2-[(1S,2S)-2-carboxycyclopropyl]-3-(9H-xanthen-9-yl)-D-alanine 'C20 H19 N O5'
#
# COMPACT_ATOMS: atom_id res chain seq x y z
N ARG A 5 -21.36 -8.39 -9.11
CA ARG A 5 -22.76 -7.96 -9.08
C ARG A 5 -22.99 -6.87 -8.00
N ARG A 6 -22.35 -7.04 -6.82
CA ARG A 6 -22.43 -6.10 -5.69
C ARG A 6 -21.67 -4.83 -5.96
N GLU A 7 -22.13 -3.74 -5.37
CA GLU A 7 -21.54 -2.42 -5.52
C GLU A 7 -22.05 -1.46 -4.47
N ILE A 8 -21.41 -0.32 -4.36
CA ILE A 8 -21.84 0.80 -3.53
C ILE A 8 -21.94 1.94 -4.55
N LYS A 9 -23.16 2.39 -4.82
CA LYS A 9 -23.43 3.45 -5.79
C LYS A 9 -24.16 4.56 -5.05
N ILE A 10 -23.44 5.61 -4.66
CA ILE A 10 -24.00 6.77 -3.95
C ILE A 10 -23.90 8.01 -4.87
N GLU A 11 -25.04 8.65 -5.14
CA GLU A 11 -25.14 9.85 -5.98
C GLU A 11 -24.47 11.07 -5.34
N GLY A 12 -23.92 11.92 -6.21
CA GLY A 12 -23.30 13.19 -5.83
C GLY A 12 -23.18 14.06 -7.06
N ASP A 13 -22.72 15.31 -6.88
CA ASP A 13 -22.46 16.23 -8.00
C ASP A 13 -21.26 15.68 -8.79
N LEU A 14 -20.24 15.17 -8.08
CA LEU A 14 -19.08 14.49 -8.65
C LEU A 14 -18.99 13.13 -7.97
N VAL A 15 -18.71 12.08 -8.73
CA VAL A 15 -18.63 10.73 -8.20
C VAL A 15 -17.19 10.19 -8.33
N LEU A 16 -16.64 9.59 -7.26
CA LEU A 16 -15.34 8.91 -7.32
C LEU A 16 -15.54 7.41 -7.41
N GLY A 17 -14.85 6.81 -8.36
CA GLY A 17 -14.79 5.38 -8.52
C GLY A 17 -13.83 4.86 -7.44
N GLY A 18 -14.10 3.66 -6.96
CA GLY A 18 -13.27 3.01 -5.95
C GLY A 18 -13.08 1.55 -6.30
N LEU A 19 -11.85 1.04 -6.09
CA LEU A 19 -11.52 -0.38 -6.38
C LEU A 19 -10.77 -0.95 -5.20
N PHE A 20 -11.34 -2.00 -4.62
CA PHE A 20 -10.73 -2.64 -3.46
C PHE A 20 -10.75 -4.16 -3.61
N PRO A 21 -9.70 -4.84 -3.09
CA PRO A 21 -9.71 -6.31 -3.08
C PRO A 21 -10.61 -6.82 -1.95
N ILE A 22 -11.93 -6.61 -2.05
CA ILE A 22 -12.89 -7.00 -1.02
C ILE A 22 -12.84 -8.51 -0.78
N ASN A 23 -12.73 -9.29 -1.84
CA ASN A 23 -12.61 -10.74 -1.83
C ASN A 23 -11.25 -11.15 -2.38
N GLU A 24 -10.73 -12.27 -1.86
CA GLU A 24 -9.47 -12.87 -2.27
C GLU A 24 -9.64 -13.51 -3.63
N LYS A 25 -8.52 -13.78 -4.33
CA LYS A 25 -8.54 -14.46 -5.64
C LYS A 25 -9.01 -15.89 -5.35
N GLY A 26 -10.17 -16.25 -5.89
CA GLY A 26 -10.76 -17.57 -5.68
C GLY A 26 -10.00 -18.74 -6.27
N THR A 27 -10.44 -19.96 -5.93
CA THR A 27 -9.83 -21.23 -6.36
C THR A 27 -10.88 -22.09 -7.04
N THR A 29 -12.58 -23.88 -9.12
CA THR A 29 -13.99 -24.01 -8.75
C THR A 29 -14.73 -22.66 -8.83
N GLU A 30 -14.26 -21.65 -8.05
CA GLU A 30 -14.82 -20.30 -7.99
C GLU A 30 -13.78 -19.23 -8.36
N GLU A 31 -14.28 -18.07 -8.85
CA GLU A 31 -13.46 -16.93 -9.25
C GLU A 31 -13.08 -16.04 -8.04
N CYS A 32 -14.00 -15.89 -7.05
CA CYS A 32 -13.75 -15.07 -5.87
C CYS A 32 -13.79 -15.87 -4.61
N GLY A 33 -12.83 -15.59 -3.73
CA GLY A 33 -12.67 -16.31 -2.47
C GLY A 33 -13.42 -15.70 -1.29
N ARG A 34 -12.77 -15.80 -0.13
CA ARG A 34 -13.25 -15.31 1.14
C ARG A 34 -13.07 -13.78 1.16
N ILE A 35 -13.80 -13.13 2.08
CA ILE A 35 -13.66 -11.70 2.32
C ILE A 35 -12.25 -11.44 2.81
N ASN A 36 -11.69 -10.34 2.34
CA ASN A 36 -10.40 -9.86 2.75
C ASN A 36 -10.76 -8.70 3.70
N GLU A 37 -10.55 -8.92 5.00
CA GLU A 37 -10.92 -8.04 6.11
C GLU A 37 -10.13 -6.74 6.22
N ASP A 38 -8.81 -6.79 6.09
N ASP A 38 -8.80 -6.81 6.10
CA ASP A 38 -7.94 -5.63 6.23
CA ASP A 38 -7.86 -5.71 6.22
C ASP A 38 -7.74 -4.86 4.91
C ASP A 38 -7.69 -4.89 4.93
N ARG A 39 -7.31 -5.54 3.82
CA ARG A 39 -7.09 -4.84 2.52
C ARG A 39 -8.40 -4.54 1.79
N GLY A 40 -9.46 -5.24 2.14
CA GLY A 40 -10.75 -5.03 1.49
C GLY A 40 -11.72 -4.19 2.28
N ILE A 41 -12.38 -4.79 3.30
CA ILE A 41 -13.42 -4.14 4.09
C ILE A 41 -12.93 -2.87 4.77
N GLN A 42 -11.78 -2.93 5.45
CA GLN A 42 -11.21 -1.79 6.15
C GLN A 42 -10.86 -0.65 5.21
N ARG A 43 -10.22 -1.00 4.10
CA ARG A 43 -9.81 0.01 3.12
C ARG A 43 -11.03 0.62 2.42
N LEU A 44 -12.04 -0.20 2.11
CA LEU A 44 -13.23 0.36 1.49
C LEU A 44 -13.94 1.32 2.49
N GLU A 45 -14.01 0.94 3.78
CA GLU A 45 -14.66 1.77 4.81
C GLU A 45 -13.86 3.06 5.08
N ALA A 46 -12.53 3.06 4.86
CA ALA A 46 -11.71 4.27 5.00
C ALA A 46 -12.03 5.27 3.91
N MET A 47 -12.38 4.80 2.70
CA MET A 47 -12.76 5.69 1.59
C MET A 47 -14.17 6.24 1.92
N LEU A 48 -15.11 5.40 2.41
CA LEU A 48 -16.45 5.89 2.79
C LEU A 48 -16.38 6.91 3.95
N PHE A 49 -15.48 6.66 4.91
CA PHE A 49 -15.19 7.55 6.04
C PHE A 49 -14.70 8.88 5.48
N ALA A 50 -13.70 8.84 4.55
CA ALA A 50 -13.11 10.03 3.93
C ALA A 50 -14.13 10.86 3.16
N ILE A 51 -15.03 10.20 2.43
CA ILE A 51 -16.09 10.87 1.65
C ILE A 51 -17.02 11.63 2.57
N ASP A 52 -17.51 10.96 3.66
CA ASP A 52 -18.41 11.49 4.70
C ASP A 52 -17.84 12.77 5.32
N GLU A 53 -16.52 12.74 5.66
CA GLU A 53 -15.76 13.83 6.24
C GLU A 53 -15.70 15.00 5.27
N ILE A 54 -15.29 14.76 4.01
CA ILE A 54 -15.21 15.79 2.97
C ILE A 54 -16.57 16.42 2.78
N ASN A 55 -17.62 15.59 2.66
CA ASN A 55 -18.97 16.11 2.47
C ASN A 55 -19.44 16.98 3.64
N LYS A 56 -19.02 16.65 4.89
CA LYS A 56 -19.32 17.39 6.13
C LYS A 56 -18.57 18.71 6.18
N ASP A 57 -17.33 18.77 5.62
CA ASP A 57 -16.46 19.95 5.60
C ASP A 57 -17.16 21.11 4.94
N ASP A 58 -17.07 22.30 5.53
CA ASP A 58 -17.68 23.50 4.99
C ASP A 58 -16.71 24.31 4.12
N TYR A 59 -15.41 23.97 4.16
CA TYR A 59 -14.40 24.72 3.40
C TYR A 59 -13.98 23.98 2.12
N LEU A 60 -13.90 22.63 2.14
CA LEU A 60 -13.51 21.83 0.97
C LEU A 60 -14.77 21.45 0.19
N LEU A 61 -14.81 21.79 -1.12
CA LEU A 61 -15.96 21.58 -2.02
C LEU A 61 -17.30 22.02 -1.34
N PRO A 62 -17.42 23.30 -0.88
CA PRO A 62 -18.64 23.70 -0.15
C PRO A 62 -19.96 23.51 -0.90
N GLY A 63 -19.96 23.68 -2.21
CA GLY A 63 -21.17 23.51 -3.02
C GLY A 63 -21.22 22.26 -3.88
N VAL A 64 -20.23 21.33 -3.74
CA VAL A 64 -20.17 20.11 -4.56
C VAL A 64 -20.17 18.86 -3.67
N LYS A 65 -21.26 18.06 -3.70
CA LYS A 65 -21.35 16.82 -2.94
C LYS A 65 -20.64 15.65 -3.66
N LEU A 66 -19.70 14.96 -2.97
CA LEU A 66 -19.01 13.79 -3.54
C LEU A 66 -19.84 12.54 -3.32
N GLY A 67 -20.01 11.83 -4.41
CA GLY A 67 -20.65 10.52 -4.43
C GLY A 67 -19.58 9.48 -4.69
N VAL A 68 -19.98 8.19 -4.76
CA VAL A 68 -19.04 7.08 -4.96
C VAL A 68 -19.65 5.99 -5.83
N HIS A 69 -18.77 5.22 -6.47
CA HIS A 69 -19.12 3.99 -7.17
C HIS A 69 -18.00 2.99 -6.87
N ILE A 70 -18.25 2.18 -5.85
CA ILE A 70 -17.26 1.24 -5.33
C ILE A 70 -17.53 -0.20 -5.76
N LEU A 71 -16.46 -0.84 -6.26
CA LEU A 71 -16.45 -2.19 -6.78
C LEU A 71 -15.30 -3.06 -6.29
N ASP A 72 -15.53 -4.38 -6.24
CA ASP A 72 -14.61 -5.43 -5.82
C ASP A 72 -13.71 -5.80 -7.00
N THR A 73 -12.38 -5.83 -6.78
CA THR A 73 -11.43 -6.22 -7.83
C THR A 73 -11.23 -7.77 -7.80
N CYS A 74 -11.70 -8.41 -6.69
N CYS A 74 -11.70 -8.44 -6.71
CA CYS A 74 -11.56 -9.84 -6.39
CA CYS A 74 -11.58 -9.90 -6.51
C CYS A 74 -10.09 -10.30 -6.46
C CYS A 74 -10.07 -10.32 -6.49
N SER A 75 -9.18 -9.34 -6.25
CA SER A 75 -7.71 -9.47 -6.24
C SER A 75 -7.16 -10.03 -7.59
N ARG A 76 -7.84 -9.74 -8.72
CA ARG A 76 -7.48 -10.21 -10.09
C ARG A 76 -7.53 -9.09 -11.12
N ASP A 77 -6.49 -9.00 -11.96
CA ASP A 77 -6.33 -8.08 -13.09
C ASP A 77 -7.59 -8.03 -13.98
N THR A 78 -7.98 -9.18 -14.57
CA THR A 78 -9.10 -9.29 -15.54
C THR A 78 -10.44 -8.96 -14.95
N TYR A 79 -10.68 -9.37 -13.70
CA TYR A 79 -11.95 -9.08 -13.05
C TYR A 79 -12.03 -7.56 -12.80
N ALA A 80 -10.92 -6.93 -12.36
CA ALA A 80 -10.86 -5.47 -12.08
C ALA A 80 -11.07 -4.64 -13.36
N LEU A 81 -10.49 -5.11 -14.52
CA LEU A 81 -10.65 -4.49 -15.84
C LEU A 81 -12.12 -4.48 -16.22
N GLU A 82 -12.80 -5.61 -16.05
CA GLU A 82 -14.24 -5.73 -16.37
C GLU A 82 -15.05 -4.79 -15.52
N GLN A 83 -14.68 -4.68 -14.23
CA GLN A 83 -15.36 -3.81 -13.28
C GLN A 83 -15.17 -2.36 -13.69
N SER A 84 -13.93 -1.98 -14.08
CA SER A 84 -13.56 -0.62 -14.47
C SER A 84 -14.35 -0.12 -15.69
N LEU A 85 -14.89 -1.03 -16.52
CA LEU A 85 -15.72 -0.66 -17.69
C LEU A 85 -16.94 0.11 -17.20
N GLU A 86 -17.43 -0.18 -15.97
CA GLU A 86 -18.53 0.55 -15.34
C GLU A 86 -18.15 2.03 -15.14
N PHE A 87 -16.86 2.33 -14.92
CA PHE A 87 -16.44 3.72 -14.71
C PHE A 87 -16.34 4.44 -16.04
N VAL A 88 -16.06 3.70 -17.10
CA VAL A 88 -15.88 4.22 -18.45
C VAL A 88 -17.23 4.36 -19.15
N ARG A 89 -18.16 3.42 -18.92
CA ARG A 89 -19.53 3.42 -19.47
C ARG A 89 -20.23 4.70 -19.02
N ALA A 90 -19.94 5.13 -17.77
CA ALA A 90 -20.49 6.32 -17.13
C ALA A 90 -20.42 7.59 -17.97
N SER A 91 -19.42 7.70 -18.90
CA SER A 91 -19.21 8.85 -19.79
C SER A 91 -20.36 9.03 -20.81
N LEU A 115 -23.77 8.63 -13.95
CA LEU A 115 -22.82 9.03 -12.92
C LEU A 115 -21.65 9.82 -13.50
N LEU A 116 -21.33 10.98 -12.89
CA LEU A 116 -20.22 11.83 -13.32
C LEU A 116 -18.87 11.39 -12.66
N ILE A 117 -18.29 10.23 -13.11
CA ILE A 117 -17.01 9.68 -12.60
C ILE A 117 -15.89 10.66 -12.87
N ALA A 118 -15.45 11.37 -11.85
CA ALA A 118 -14.38 12.35 -11.98
C ALA A 118 -12.99 11.72 -11.89
N GLY A 119 -12.89 10.63 -11.14
CA GLY A 119 -11.62 9.92 -10.92
C GLY A 119 -11.84 8.62 -10.20
N VAL A 120 -10.77 7.80 -10.14
CA VAL A 120 -10.86 6.48 -9.50
C VAL A 120 -9.78 6.32 -8.41
N ILE A 121 -10.24 5.79 -7.26
CA ILE A 121 -9.39 5.48 -6.12
C ILE A 121 -9.14 3.96 -6.13
N GLY A 122 -7.89 3.54 -6.27
CA GLY A 122 -7.47 2.14 -6.32
C GLY A 122 -6.52 1.81 -7.49
N GLY A 123 -6.11 0.55 -7.63
CA GLY A 123 -6.44 -0.56 -6.74
C GLY A 123 -5.38 -0.75 -5.69
N SER A 124 -5.27 -1.98 -5.15
CA SER A 124 -4.28 -2.37 -4.12
C SER A 124 -3.11 -3.04 -4.80
N TYR A 125 -3.30 -4.25 -5.38
CA TYR A 125 -2.20 -4.95 -6.08
C TYR A 125 -1.76 -4.20 -7.32
N SER A 126 -0.44 -4.04 -7.50
CA SER A 126 0.12 -3.37 -8.67
C SER A 126 -0.37 -3.96 -10.00
N SER A 127 -0.49 -5.30 -10.11
CA SER A 127 -0.96 -5.96 -11.33
C SER A 127 -2.39 -5.53 -11.70
N VAL A 128 -3.24 -5.30 -10.67
CA VAL A 128 -4.61 -4.80 -10.86
C VAL A 128 -4.55 -3.32 -11.31
N SER A 129 -3.73 -2.49 -10.63
CA SER A 129 -3.61 -1.05 -10.92
C SER A 129 -3.01 -0.79 -12.32
N ILE A 130 -2.15 -1.70 -12.81
CA ILE A 130 -1.55 -1.60 -14.15
C ILE A 130 -2.66 -1.76 -15.21
N GLN A 131 -3.49 -2.82 -15.10
CA GLN A 131 -4.58 -3.05 -16.07
C GLN A 131 -5.65 -1.97 -16.04
N VAL A 132 -5.98 -1.47 -14.84
CA VAL A 132 -6.96 -0.39 -14.68
C VAL A 132 -6.42 0.88 -15.33
N ALA A 133 -5.14 1.20 -15.08
CA ALA A 133 -4.46 2.36 -15.63
C ALA A 133 -4.39 2.33 -17.15
N ASN A 134 -4.18 1.13 -17.75
CA ASN A 134 -4.18 0.91 -19.21
C ASN A 134 -5.56 1.27 -19.79
N LEU A 135 -6.65 0.94 -19.06
CA LEU A 135 -7.99 1.30 -19.51
C LEU A 135 -8.32 2.81 -19.30
N LEU A 136 -8.13 3.32 -18.05
CA LEU A 136 -8.54 4.67 -17.65
C LEU A 136 -7.87 5.80 -18.44
N ARG A 137 -6.61 5.63 -18.80
CA ARG A 137 -5.92 6.64 -19.60
C ARG A 137 -6.62 6.89 -20.97
N LEU A 138 -7.27 5.85 -21.52
CA LEU A 138 -7.93 5.96 -22.83
C LEU A 138 -9.12 6.87 -22.78
N PHE A 139 -9.75 7.01 -21.61
CA PHE A 139 -10.95 7.85 -21.40
C PHE A 139 -10.64 9.06 -20.52
N GLN A 140 -9.34 9.33 -20.36
CA GLN A 140 -8.73 10.41 -19.59
C GLN A 140 -9.31 10.49 -18.15
N ILE A 141 -9.43 9.32 -17.46
CA ILE A 141 -9.95 9.30 -16.09
C ILE A 141 -8.79 9.21 -15.12
N PRO A 142 -8.51 10.28 -14.32
CA PRO A 142 -7.41 10.21 -13.34
C PRO A 142 -7.59 9.10 -12.31
N GLN A 143 -6.48 8.48 -11.95
CA GLN A 143 -6.47 7.36 -11.01
C GLN A 143 -5.45 7.56 -9.90
N ILE A 144 -5.85 7.32 -8.64
CA ILE A 144 -4.92 7.41 -7.48
C ILE A 144 -4.93 6.12 -6.73
N SER A 145 -3.76 5.45 -6.67
CA SER A 145 -3.66 4.23 -5.89
C SER A 145 -3.14 4.54 -4.49
N TYR A 146 -3.74 3.91 -3.48
CA TYR A 146 -3.39 4.08 -2.08
C TYR A 146 -2.45 2.93 -1.61
N ALA A 147 -2.04 1.99 -2.51
CA ALA A 147 -1.20 0.82 -2.13
C ALA A 147 -0.23 0.28 -3.21
N SER A 148 -0.47 0.52 -4.52
CA SER A 148 0.35 -0.08 -5.60
C SER A 148 1.77 0.55 -5.65
N THR A 149 2.81 -0.26 -5.42
CA THR A 149 4.18 0.23 -5.29
C THR A 149 5.15 -0.18 -6.44
N SER A 150 4.65 -0.82 -7.51
CA SER A 150 5.48 -1.23 -8.65
C SER A 150 6.15 -0.03 -9.33
N ALA A 151 7.43 -0.19 -9.68
CA ALA A 151 8.17 0.85 -10.41
C ALA A 151 7.56 1.16 -11.77
N LYS A 152 6.90 0.18 -12.45
CA LYS A 152 6.29 0.38 -13.78
C LYS A 152 5.30 1.55 -13.86
N LEU A 153 4.47 1.73 -12.80
CA LEU A 153 3.43 2.74 -12.74
C LEU A 153 3.96 4.17 -12.75
N SER A 154 5.27 4.35 -12.50
CA SER A 154 5.95 5.65 -12.54
C SER A 154 6.02 6.23 -13.97
N ASP A 155 6.02 5.38 -15.02
CA ASP A 155 6.11 5.76 -16.43
C ASP A 155 5.12 6.85 -16.85
N LYS A 156 5.67 8.08 -17.05
CA LYS A 156 4.97 9.31 -17.45
C LYS A 156 4.19 9.17 -18.75
N SER A 157 4.63 8.30 -19.68
CA SER A 157 3.94 8.14 -20.97
C SER A 157 2.92 7.01 -20.99
N ARG A 158 3.31 5.82 -20.48
N ARG A 158 3.31 5.83 -20.47
CA ARG A 158 2.44 4.64 -20.44
CA ARG A 158 2.44 4.65 -20.43
C ARG A 158 1.32 4.77 -19.39
C ARG A 158 1.32 4.77 -19.39
N TYR A 159 1.59 5.43 -18.24
CA TYR A 159 0.60 5.61 -17.14
C TYR A 159 0.47 7.11 -16.85
N ASP A 160 0.10 7.86 -17.90
CA ASP A 160 -0.05 9.32 -17.86
C ASP A 160 -1.31 9.81 -17.14
N TYR A 161 -2.15 8.91 -16.57
CA TYR A 161 -3.34 9.31 -15.77
C TYR A 161 -3.28 8.70 -14.37
N PHE A 162 -2.11 8.16 -14.01
CA PHE A 162 -1.92 7.47 -12.73
C PHE A 162 -1.08 8.27 -11.77
N ALA A 163 -1.56 8.33 -10.52
CA ALA A 163 -0.85 8.92 -9.40
C ALA A 163 -0.99 7.96 -8.19
N ARG A 164 -0.24 8.22 -7.09
CA ARG A 164 -0.31 7.35 -5.91
C ARG A 164 0.17 8.04 -4.67
N THR A 165 -0.52 7.78 -3.54
CA THR A 165 -0.14 8.36 -2.24
C THR A 165 1.01 7.57 -1.58
N VAL A 166 1.29 6.35 -2.08
CA VAL A 166 2.43 5.55 -1.62
C VAL A 166 3.66 5.81 -2.52
N PRO A 167 4.90 5.66 -2.02
CA PRO A 167 6.05 5.75 -2.94
C PRO A 167 6.29 4.42 -3.67
N PRO A 168 6.93 4.41 -4.85
CA PRO A 168 7.28 3.13 -5.47
C PRO A 168 8.42 2.45 -4.69
N ASP A 169 8.51 1.09 -4.77
CA ASP A 169 9.50 0.31 -4.03
C ASP A 169 10.95 0.60 -4.42
N PHE A 170 11.21 1.26 -5.57
CA PHE A 170 12.59 1.56 -5.92
C PHE A 170 13.25 2.54 -4.94
N TYR A 171 12.45 3.25 -4.11
CA TYR A 171 13.01 4.12 -3.07
C TYR A 171 13.56 3.30 -1.89
N GLN A 172 13.10 2.04 -1.73
CA GLN A 172 13.62 1.11 -0.69
C GLN A 172 15.06 0.76 -1.09
N ALA A 173 15.29 0.46 -2.38
CA ALA A 173 16.60 0.14 -2.96
C ALA A 173 17.60 1.28 -2.70
N LYS A 174 17.16 2.54 -2.89
CA LYS A 174 17.92 3.75 -2.64
C LYS A 174 18.23 3.91 -1.14
N ALA A 175 17.22 3.67 -0.27
CA ALA A 175 17.35 3.76 1.20
C ALA A 175 18.33 2.72 1.77
N MET A 176 18.34 1.49 1.20
CA MET A 176 19.22 0.42 1.65
C MET A 176 20.66 0.75 1.25
N ALA A 177 20.86 1.23 0.00
CA ALA A 177 22.15 1.67 -0.53
C ALA A 177 22.70 2.81 0.32
N GLU A 178 21.83 3.69 0.84
CA GLU A 178 22.22 4.80 1.71
C GLU A 178 22.56 4.33 3.11
N ILE A 179 21.97 3.20 3.56
CA ILE A 179 22.28 2.64 4.90
C ILE A 179 23.69 2.01 4.84
N LEU A 180 24.01 1.28 3.76
CA LEU A 180 25.31 0.64 3.57
C LEU A 180 26.41 1.68 3.45
N ARG A 181 26.20 2.73 2.62
CA ARG A 181 27.15 3.82 2.38
C ARG A 181 27.50 4.58 3.64
N PHE A 182 26.51 4.72 4.56
CA PHE A 182 26.70 5.38 5.85
C PHE A 182 27.71 4.57 6.69
N PHE A 183 27.45 3.27 6.87
CA PHE A 183 28.31 2.37 7.64
C PHE A 183 29.61 1.96 6.89
N ASN A 184 29.82 2.54 5.68
CA ASN A 184 30.96 2.32 4.79
C ASN A 184 31.06 0.85 4.31
N TRP A 185 29.95 0.09 4.39
CA TRP A 185 29.84 -1.31 3.95
C TRP A 185 29.95 -1.37 2.42
N THR A 186 31.21 -1.40 1.92
CA THR A 186 31.57 -1.38 0.50
C THR A 186 31.48 -2.74 -0.21
N TYR A 187 31.55 -3.86 0.55
CA TYR A 187 31.49 -5.22 -0.02
C TYR A 187 30.28 -5.97 0.53
N VAL A 188 29.30 -6.27 -0.35
CA VAL A 188 28.03 -6.92 0.01
C VAL A 188 27.59 -7.94 -1.03
N SER A 189 26.68 -8.84 -0.65
CA SER A 189 26.07 -9.82 -1.55
C SER A 189 24.53 -9.56 -1.61
N THR A 190 23.87 -9.93 -2.71
CA THR A 190 22.42 -9.70 -2.84
C THR A 190 21.63 -10.95 -3.17
N VAL A 191 20.42 -11.06 -2.58
CA VAL A 191 19.45 -12.14 -2.86
C VAL A 191 18.12 -11.47 -3.27
N ALA A 192 17.51 -11.96 -4.35
CA ALA A 192 16.25 -11.39 -4.85
C ALA A 192 15.21 -12.45 -5.19
N SER A 193 13.92 -12.13 -4.97
CA SER A 193 12.83 -13.02 -5.35
C SER A 193 12.62 -12.89 -6.84
N GLU A 194 12.07 -13.91 -7.52
CA GLU A 194 11.73 -13.81 -8.94
C GLU A 194 10.41 -13.03 -9.05
N GLY A 195 10.32 -12.20 -10.08
CA GLY A 195 9.14 -11.38 -10.35
C GLY A 195 9.43 -9.90 -10.21
N ASP A 196 8.42 -9.08 -10.53
CA ASP A 196 8.47 -7.60 -10.51
C ASP A 196 9.09 -7.06 -9.21
N TYR A 197 8.56 -7.46 -8.03
CA TYR A 197 9.03 -6.97 -6.72
C TYR A 197 10.55 -7.17 -6.50
N GLY A 198 11.01 -8.41 -6.48
CA GLY A 198 12.41 -8.75 -6.24
C GLY A 198 13.39 -8.31 -7.33
N GLU A 199 13.09 -8.61 -8.60
CA GLU A 199 13.96 -8.29 -9.74
C GLU A 199 14.16 -6.78 -9.93
N THR A 200 13.05 -6.01 -10.03
CA THR A 200 13.09 -4.55 -10.18
C THR A 200 13.82 -3.89 -8.99
N GLY A 201 13.56 -4.39 -7.79
CA GLY A 201 14.17 -3.89 -6.57
C GLY A 201 15.67 -4.07 -6.48
N ILE A 202 16.17 -5.25 -6.88
CA ILE A 202 17.62 -5.52 -6.84
C ILE A 202 18.30 -4.82 -8.04
N GLU A 203 17.60 -4.70 -9.19
CA GLU A 203 18.08 -4.00 -10.39
C GLU A 203 18.30 -2.51 -10.06
N ALA A 204 17.39 -1.94 -9.24
CA ALA A 204 17.49 -0.55 -8.78
C ALA A 204 18.56 -0.45 -7.71
N PHE A 205 18.72 -1.48 -6.85
CA PHE A 205 19.76 -1.46 -5.81
C PHE A 205 21.15 -1.51 -6.45
N GLU A 206 21.32 -2.37 -7.49
CA GLU A 206 22.56 -2.55 -8.24
C GLU A 206 23.02 -1.20 -8.81
N GLN A 207 22.07 -0.42 -9.37
CA GLN A 207 22.31 0.91 -9.94
C GLN A 207 22.65 1.92 -8.84
N GLU A 208 21.93 1.87 -7.69
CA GLU A 208 22.14 2.78 -6.55
C GLU A 208 23.45 2.48 -5.81
N ALA A 209 23.94 1.23 -5.90
CA ALA A 209 25.19 0.80 -5.27
C ALA A 209 26.38 1.28 -6.11
N ARG A 210 26.27 1.17 -7.47
CA ARG A 210 27.29 1.63 -8.42
C ARG A 210 27.62 3.10 -8.21
N LEU A 211 26.58 3.95 -8.04
CA LEU A 211 26.69 5.40 -7.79
C LEU A 211 27.33 5.72 -6.44
N ARG A 212 27.35 4.74 -5.52
CA ARG A 212 27.90 4.93 -4.18
C ARG A 212 29.18 4.11 -3.97
N ASN A 213 29.74 3.60 -5.09
CA ASN A 213 30.98 2.79 -5.18
C ASN A 213 30.92 1.52 -4.31
N ILE A 214 29.71 0.96 -4.11
CA ILE A 214 29.48 -0.26 -3.35
C ILE A 214 29.60 -1.45 -4.33
N SER A 215 30.56 -2.35 -4.05
CA SER A 215 30.82 -3.51 -4.88
C SER A 215 29.99 -4.71 -4.44
N ILE A 216 29.30 -5.33 -5.40
CA ILE A 216 28.45 -6.48 -5.11
C ILE A 216 29.24 -7.77 -5.39
N ALA A 217 29.48 -8.55 -4.32
CA ALA A 217 30.20 -9.82 -4.31
C ALA A 217 29.52 -10.86 -5.20
N THR A 218 28.26 -11.24 -4.87
CA THR A 218 27.46 -12.21 -5.63
C THR A 218 25.97 -11.81 -5.58
N ALA A 219 25.28 -11.98 -6.72
CA ALA A 219 23.86 -11.67 -6.88
C ALA A 219 23.05 -12.93 -7.17
N GLU A 220 22.36 -13.44 -6.13
CA GLU A 220 21.53 -14.63 -6.23
C GLU A 220 20.04 -14.31 -6.42
N LYS A 221 19.32 -15.25 -7.04
CA LYS A 221 17.89 -15.18 -7.28
C LYS A 221 17.21 -16.42 -6.68
N VAL A 222 15.89 -16.36 -6.45
CA VAL A 222 15.07 -17.45 -5.90
C VAL A 222 13.79 -17.59 -6.75
N GLY A 223 13.60 -18.77 -7.33
CA GLY A 223 12.42 -19.09 -8.14
C GLY A 223 11.23 -19.51 -7.33
N ARG A 224 10.43 -20.46 -7.87
CA ARG A 224 9.22 -20.99 -7.20
C ARG A 224 9.24 -22.53 -7.16
N ILE A 227 10.99 -24.51 -3.30
CA ILE A 227 11.72 -25.73 -2.93
C ILE A 227 12.71 -25.44 -1.81
N ARG A 228 12.78 -26.34 -0.80
CA ARG A 228 13.65 -26.22 0.37
C ARG A 228 15.15 -26.23 0.04
N LYS A 229 15.55 -27.00 -0.99
CA LYS A 229 16.94 -27.13 -1.42
C LYS A 229 17.45 -25.85 -2.08
N SER A 230 16.56 -25.14 -2.84
CA SER A 230 16.85 -23.89 -3.56
C SER A 230 17.51 -22.82 -2.68
N TYR A 231 17.02 -22.68 -1.44
CA TYR A 231 17.51 -21.73 -0.46
C TYR A 231 18.90 -22.13 0.06
N ASP A 232 19.14 -23.45 0.23
CA ASP A 232 20.44 -23.98 0.67
C ASP A 232 21.54 -23.74 -0.39
N SER A 233 21.16 -23.82 -1.70
CA SER A 233 22.06 -23.55 -2.82
C SER A 233 22.48 -22.08 -2.78
N VAL A 234 21.54 -21.17 -2.42
CA VAL A 234 21.76 -19.73 -2.30
C VAL A 234 22.66 -19.47 -1.08
N ILE A 235 22.34 -20.09 0.08
CA ILE A 235 23.12 -19.94 1.30
C ILE A 235 24.57 -20.42 1.07
N ARG A 236 24.74 -21.57 0.39
CA ARG A 236 26.07 -22.12 0.06
C ARG A 236 26.82 -21.15 -0.86
N GLU A 237 26.13 -20.60 -1.88
CA GLU A 237 26.70 -19.62 -2.82
C GLU A 237 27.08 -18.31 -2.09
N LEU A 238 26.36 -17.94 -1.01
CA LEU A 238 26.65 -16.76 -0.19
C LEU A 238 27.89 -17.01 0.67
N LEU A 239 28.07 -18.27 1.12
CA LEU A 239 29.21 -18.70 1.94
C LEU A 239 30.52 -18.71 1.12
N GLN A 240 30.42 -18.90 -0.21
CA GLN A 240 31.55 -18.90 -1.15
C GLN A 240 32.32 -17.56 -1.16
N LYS A 241 31.67 -16.46 -0.74
CA LYS A 241 32.28 -15.13 -0.63
C LYS A 241 32.26 -14.74 0.88
N PRO A 242 33.18 -15.30 1.72
CA PRO A 242 33.12 -15.00 3.17
C PRO A 242 33.56 -13.59 3.58
N ASN A 243 34.06 -12.80 2.63
CA ASN A 243 34.48 -11.42 2.87
C ASN A 243 33.24 -10.50 2.97
N ALA A 244 32.17 -10.86 2.21
CA ALA A 244 30.89 -10.14 2.19
C ALA A 244 29.98 -10.64 3.35
N ARG A 245 30.08 -9.97 4.50
CA ARG A 245 29.32 -10.28 5.72
C ARG A 245 27.90 -9.64 5.70
N VAL A 246 27.68 -8.67 4.77
CA VAL A 246 26.41 -7.96 4.62
C VAL A 246 25.66 -8.53 3.41
N VAL A 247 24.42 -8.99 3.64
CA VAL A 247 23.53 -9.52 2.59
C VAL A 247 22.34 -8.56 2.46
N VAL A 248 22.10 -8.06 1.23
CA VAL A 248 20.99 -7.17 0.92
C VAL A 248 19.86 -8.01 0.30
N LEU A 249 18.68 -7.99 0.93
CA LEU A 249 17.54 -8.77 0.41
C LEU A 249 16.43 -7.90 -0.19
N PHE A 250 15.90 -8.32 -1.34
CA PHE A 250 14.73 -7.77 -1.99
C PHE A 250 13.86 -8.97 -2.31
N MET A 251 13.20 -9.48 -1.28
CA MET A 251 12.39 -10.69 -1.40
C MET A 251 11.02 -10.57 -0.79
N ARG A 252 10.11 -11.43 -1.28
CA ARG A 252 8.75 -11.64 -0.81
C ARG A 252 8.82 -12.24 0.60
N SER A 253 7.70 -12.20 1.36
CA SER A 253 7.64 -12.70 2.74
C SER A 253 8.02 -14.17 2.88
N ASP A 254 7.38 -15.05 2.11
CA ASP A 254 7.63 -16.49 2.12
C ASP A 254 9.09 -16.80 1.79
N ASP A 255 9.64 -16.16 0.72
CA ASP A 255 11.03 -16.31 0.30
C ASP A 255 12.01 -15.89 1.39
N SER A 256 11.69 -14.79 2.11
CA SER A 256 12.49 -14.26 3.21
C SER A 256 12.56 -15.23 4.38
N ARG A 257 11.40 -15.81 4.78
CA ARG A 257 11.32 -16.77 5.89
C ARG A 257 12.11 -18.04 5.58
N GLU A 258 11.95 -18.58 4.37
CA GLU A 258 12.61 -19.79 3.88
C GLU A 258 14.13 -19.62 3.77
N LEU A 259 14.62 -18.44 3.37
CA LEU A 259 16.05 -18.17 3.27
C LEU A 259 16.71 -18.07 4.65
N ILE A 260 15.99 -17.48 5.63
CA ILE A 260 16.48 -17.36 7.00
C ILE A 260 16.48 -18.76 7.66
N ALA A 261 15.53 -19.64 7.25
CA ALA A 261 15.42 -21.04 7.71
C ALA A 261 16.61 -21.86 7.20
N ALA A 262 17.01 -21.67 5.93
CA ALA A 262 18.15 -22.34 5.31
C ALA A 262 19.47 -21.83 5.90
N ALA A 263 19.50 -20.53 6.31
CA ALA A 263 20.65 -19.90 6.97
C ALA A 263 20.80 -20.49 8.37
N SER A 264 19.66 -20.83 9.01
CA SER A 264 19.59 -21.43 10.34
C SER A 264 20.14 -22.87 10.30
N ARG A 265 19.74 -23.65 9.26
CA ARG A 265 20.18 -25.02 9.01
C ARG A 265 21.69 -25.10 8.75
N ALA A 266 22.24 -24.14 7.98
CA ALA A 266 23.66 -24.07 7.65
C ALA A 266 24.46 -23.30 8.72
N ASN A 267 23.79 -22.90 9.83
CA ASN A 267 24.33 -22.13 10.96
C ASN A 267 25.15 -20.90 10.44
N ALA A 268 24.70 -20.33 9.30
CA ALA A 268 25.31 -19.20 8.60
C ALA A 268 24.73 -17.87 9.06
N SER A 269 25.46 -17.18 9.94
CA SER A 269 25.04 -15.90 10.51
C SER A 269 25.63 -14.72 9.71
N PHE A 270 24.74 -13.90 9.14
CA PHE A 270 25.09 -12.70 8.36
C PHE A 270 24.37 -11.48 8.94
N THR A 271 24.79 -10.28 8.52
CA THR A 271 24.11 -9.02 8.87
C THR A 271 23.19 -8.80 7.67
N TRP A 272 21.88 -9.03 7.87
CA TRP A 272 20.90 -8.90 6.79
C TRP A 272 20.36 -7.47 6.70
N VAL A 273 20.28 -6.94 5.47
CA VAL A 273 19.72 -5.62 5.16
C VAL A 273 18.56 -5.92 4.20
N ALA A 274 17.32 -5.88 4.71
CA ALA A 274 16.16 -6.31 3.91
C ALA A 274 15.08 -5.26 3.63
N SER A 275 14.38 -5.44 2.51
CA SER A 275 13.25 -4.62 2.10
C SER A 275 11.99 -5.00 2.94
N ASP A 276 10.87 -4.25 2.75
CA ASP A 276 9.62 -4.41 3.50
C ASP A 276 8.98 -5.81 3.32
N GLY A 277 9.41 -6.58 2.30
CA GLY A 277 8.99 -7.96 2.10
C GLY A 277 9.23 -8.80 3.36
N TRP A 278 10.30 -8.46 4.12
CA TRP A 278 10.66 -9.02 5.41
C TRP A 278 10.07 -8.07 6.47
N GLY A 279 10.51 -6.80 6.44
CA GLY A 279 10.05 -5.75 7.33
C GLY A 279 10.14 -6.06 8.81
N ALA A 280 9.05 -5.78 9.57
CA ALA A 280 9.03 -6.02 11.01
C ALA A 280 8.06 -7.17 11.39
N GLN A 281 7.99 -8.21 10.53
CA GLN A 281 7.15 -9.38 10.72
C GLN A 281 7.88 -10.41 11.57
N GLU A 282 7.26 -10.79 12.69
CA GLU A 282 7.81 -11.78 13.61
C GLU A 282 7.77 -13.18 13.00
N SER A 283 6.86 -13.44 12.05
CA SER A 283 6.73 -14.72 11.35
C SER A 283 8.00 -15.10 10.56
N ILE A 284 8.76 -14.11 10.09
CA ILE A 284 9.99 -14.29 9.31
C ILE A 284 11.10 -14.94 10.15
N ILE A 285 11.36 -14.37 11.34
CA ILE A 285 12.46 -14.75 12.24
C ILE A 285 12.16 -15.94 13.19
N LYS A 286 10.87 -16.35 13.34
CA LYS A 286 10.42 -17.41 14.26
C LYS A 286 11.29 -18.69 14.18
N GLY A 287 11.92 -19.03 15.30
CA GLY A 287 12.79 -20.19 15.44
C GLY A 287 14.16 -20.07 14.79
N SER A 288 14.49 -18.87 14.27
CA SER A 288 15.76 -18.63 13.59
C SER A 288 16.38 -17.30 13.99
N GLU A 289 16.13 -16.86 15.23
CA GLU A 289 16.60 -15.58 15.76
C GLU A 289 18.12 -15.44 15.86
N HIS A 290 18.89 -16.53 15.91
CA HIS A 290 20.36 -16.44 16.02
C HIS A 290 21.01 -15.90 14.73
N VAL A 291 20.73 -16.55 13.59
CA VAL A 291 21.27 -16.18 12.26
C VAL A 291 20.71 -14.81 11.81
N ALA A 292 19.44 -14.52 12.17
CA ALA A 292 18.73 -13.28 11.81
C ALA A 292 18.96 -12.13 12.78
N TYR A 293 19.75 -12.36 13.86
CA TYR A 293 20.04 -11.33 14.87
C TYR A 293 20.71 -10.10 14.26
N GLY A 294 20.33 -8.92 14.77
CA GLY A 294 20.84 -7.63 14.31
C GLY A 294 20.44 -7.18 12.92
N ALA A 295 19.52 -7.92 12.24
CA ALA A 295 19.07 -7.58 10.87
C ALA A 295 18.43 -6.19 10.81
N ILE A 296 18.79 -5.45 9.75
CA ILE A 296 18.28 -4.12 9.42
C ILE A 296 17.16 -4.29 8.37
N THR A 297 15.94 -3.85 8.70
CA THR A 297 14.80 -3.98 7.77
C THR A 297 14.05 -2.66 7.56
N LEU A 298 13.39 -2.52 6.39
CA LEU A 298 12.60 -1.33 6.09
C LEU A 298 11.12 -1.63 6.13
N GLU A 299 10.33 -0.63 6.47
CA GLU A 299 8.87 -0.66 6.39
C GLU A 299 8.37 0.72 6.00
N LEU A 300 7.25 0.78 5.25
CA LEU A 300 6.63 2.03 4.86
C LEU A 300 6.14 2.75 6.10
N ALA A 301 6.59 3.99 6.27
CA ALA A 301 6.20 4.78 7.41
C ALA A 301 4.77 5.29 7.21
N SER A 302 3.93 5.05 8.22
CA SER A 302 2.53 5.46 8.26
C SER A 302 2.13 5.67 9.72
N GLN A 303 1.13 6.51 9.95
CA GLN A 303 0.61 6.80 11.28
C GLN A 303 -0.86 6.45 11.25
N PRO A 304 -1.42 5.86 12.32
CA PRO A 304 -2.86 5.57 12.31
C PRO A 304 -3.72 6.84 12.27
N VAL A 305 -4.94 6.73 11.68
CA VAL A 305 -5.95 7.81 11.58
C VAL A 305 -6.89 7.45 12.75
N ARG A 306 -6.67 8.09 13.90
CA ARG A 306 -7.37 7.83 15.17
C ARG A 306 -8.91 7.88 15.05
N GLN A 307 -9.45 8.90 14.33
CA GLN A 307 -10.88 9.07 14.10
C GLN A 307 -11.46 7.87 13.32
N PHE A 308 -10.62 7.19 12.49
CA PHE A 308 -11.07 6.02 11.74
C PHE A 308 -11.37 4.85 12.67
N ASP A 309 -10.53 4.63 13.71
CA ASP A 309 -10.74 3.54 14.69
C ASP A 309 -12.13 3.65 15.30
N ARG A 310 -12.56 4.87 15.69
N ARG A 310 -12.56 4.86 15.69
CA ARG A 310 -13.88 5.15 16.28
CA ARG A 310 -13.87 5.12 16.28
C ARG A 310 -14.97 4.86 15.26
C ARG A 310 -14.99 4.86 15.26
N TYR A 311 -14.79 5.31 14.01
CA TYR A 311 -15.77 5.10 12.93
C TYR A 311 -15.91 3.59 12.60
N PHE A 312 -14.78 2.86 12.42
CA PHE A 312 -14.80 1.43 12.03
C PHE A 312 -15.34 0.54 13.15
N GLN A 313 -14.96 0.78 14.40
CA GLN A 313 -15.42 -0.04 15.54
C GLN A 313 -16.92 0.15 15.86
N SER A 314 -17.53 1.23 15.40
CA SER A 314 -18.96 1.50 15.60
C SER A 314 -19.87 0.78 14.57
N LEU A 315 -19.27 0.25 13.48
N LEU A 315 -19.26 0.24 13.49
CA LEU A 315 -20.02 -0.41 12.42
CA LEU A 315 -19.95 -0.46 12.41
C LEU A 315 -20.49 -1.80 12.87
C LEU A 315 -20.49 -1.81 12.88
N ASN A 316 -21.77 -2.09 12.61
CA ASN A 316 -22.35 -3.38 12.94
C ASN A 316 -23.36 -3.74 11.85
N PRO A 317 -23.81 -5.01 11.72
CA PRO A 317 -24.72 -5.35 10.61
C PRO A 317 -26.06 -4.64 10.62
N TYR A 318 -26.42 -4.05 11.76
CA TYR A 318 -27.68 -3.36 11.98
C TYR A 318 -27.63 -1.89 11.52
N ASN A 319 -26.47 -1.21 11.62
CA ASN A 319 -26.32 0.18 11.19
C ASN A 319 -25.52 0.37 9.88
N ASN A 320 -25.03 -0.72 9.24
CA ASN A 320 -24.23 -0.57 8.03
C ASN A 320 -24.87 -1.19 6.78
N HIS A 321 -26.01 -0.64 6.37
CA HIS A 321 -26.78 -1.10 5.21
C HIS A 321 -26.17 -0.67 3.88
N ARG A 322 -25.45 0.47 3.85
CA ARG A 322 -24.82 0.98 2.60
C ARG A 322 -23.68 0.07 2.09
N ASN A 323 -23.03 -0.73 2.96
CA ASN A 323 -21.98 -1.66 2.53
C ASN A 323 -22.59 -3.07 2.29
N PRO A 324 -22.75 -3.51 1.02
CA PRO A 324 -23.39 -4.80 0.76
C PRO A 324 -22.55 -6.03 1.09
N TRP A 325 -21.25 -5.86 1.34
CA TRP A 325 -20.34 -6.93 1.72
C TRP A 325 -20.19 -7.11 3.25
N PHE A 326 -20.66 -6.16 4.05
CA PHE A 326 -20.48 -6.15 5.51
C PHE A 326 -21.10 -7.36 6.23
N ARG A 327 -22.30 -7.83 5.84
CA ARG A 327 -22.90 -9.01 6.48
C ARG A 327 -22.02 -10.28 6.27
N ASP A 328 -21.44 -10.47 5.04
CA ASP A 328 -20.54 -11.60 4.81
C ASP A 328 -19.24 -11.42 5.58
N PHE A 329 -18.72 -10.17 5.68
CA PHE A 329 -17.52 -9.84 6.48
C PHE A 329 -17.78 -10.26 7.96
N TRP A 330 -18.95 -9.88 8.51
CA TRP A 330 -19.35 -10.13 9.90
C TRP A 330 -19.46 -11.64 10.18
N GLU A 331 -20.16 -12.37 9.30
CA GLU A 331 -20.34 -13.82 9.40
C GLU A 331 -19.01 -14.56 9.30
N GLN A 332 -18.11 -14.09 8.46
CA GLN A 332 -16.79 -14.70 8.30
C GLN A 332 -15.91 -14.40 9.51
N LYS A 333 -15.82 -13.11 9.92
CA LYS A 333 -15.01 -12.66 11.05
C LYS A 333 -15.38 -13.40 12.34
N PHE A 334 -16.69 -13.54 12.59
CA PHE A 334 -17.15 -14.14 13.81
C PHE A 334 -17.61 -15.62 13.69
N GLN A 335 -17.37 -16.31 12.50
CA GLN A 335 -17.66 -17.75 12.24
C GLN A 335 -19.07 -18.04 12.74
N CYS A 336 -20.05 -17.23 12.30
N CYS A 336 -20.00 -17.42 12.05
CA CYS A 336 -21.44 -17.32 12.76
CA CYS A 336 -21.29 -17.04 12.47
C CYS A 336 -22.39 -16.87 11.66
C CYS A 336 -22.40 -16.96 11.43
N SER A 337 -23.69 -17.06 11.88
CA SER A 337 -24.80 -16.79 10.98
C SER A 337 -25.76 -15.73 11.56
N LEU A 338 -26.10 -14.71 10.76
CA LEU A 338 -27.00 -13.63 11.16
C LEU A 338 -28.49 -14.01 11.07
N GLN A 339 -28.85 -14.93 10.14
CA GLN A 339 -30.23 -15.39 9.92
C GLN A 339 -30.63 -16.39 11.01
N ASN A 343 -28.86 -24.00 10.21
CA ASN A 343 -28.93 -24.31 11.66
C ASN A 343 -27.70 -25.07 12.14
N HIS A 344 -26.90 -25.61 11.19
CA HIS A 344 -25.63 -26.26 11.53
C HIS A 344 -24.64 -25.16 11.95
N ARG A 345 -24.93 -23.90 11.56
CA ARG A 345 -24.11 -22.71 11.88
C ARG A 345 -24.59 -22.08 13.19
N ARG A 346 -23.65 -21.69 14.07
CA ARG A 346 -23.98 -20.96 15.31
C ARG A 346 -24.58 -19.57 14.98
N VAL A 347 -25.58 -19.14 15.75
CA VAL A 347 -26.23 -17.84 15.57
C VAL A 347 -25.29 -16.75 16.09
N CYS A 348 -25.21 -15.61 15.37
CA CYS A 348 -24.38 -14.50 15.84
C CYS A 348 -24.97 -13.94 17.13
N ASP A 349 -24.14 -13.84 18.16
CA ASP A 349 -24.52 -13.22 19.42
C ASP A 349 -24.70 -11.74 19.08
N LYS A 350 -25.86 -11.17 19.47
CA LYS A 350 -26.21 -9.76 19.21
C LYS A 350 -25.22 -8.74 19.84
N HIS A 351 -24.34 -9.18 20.78
CA HIS A 351 -23.36 -8.31 21.45
C HIS A 351 -21.97 -8.36 20.86
N LEU A 352 -21.82 -9.02 19.70
CA LEU A 352 -20.51 -9.09 19.04
C LEU A 352 -20.17 -7.68 18.55
N ALA A 353 -18.89 -7.35 18.51
CA ALA A 353 -18.41 -6.05 18.09
C ALA A 353 -16.98 -6.10 17.62
N ILE A 354 -16.63 -5.18 16.68
CA ILE A 354 -15.26 -4.95 16.20
C ILE A 354 -14.68 -4.08 17.35
N ASP A 355 -13.59 -4.54 17.97
CA ASP A 355 -13.01 -3.82 19.10
C ASP A 355 -11.53 -4.15 19.25
N SER A 356 -10.90 -3.61 20.31
CA SER A 356 -9.49 -3.76 20.68
C SER A 356 -9.00 -5.20 20.69
N SER A 357 -9.86 -6.15 21.05
CA SER A 357 -9.45 -7.55 21.11
C SER A 357 -9.38 -8.28 19.73
N ASN A 358 -10.05 -7.75 18.68
CA ASN A 358 -10.11 -8.46 17.39
C ASN A 358 -9.85 -7.57 16.14
N TYR A 359 -9.45 -6.31 16.37
CA TYR A 359 -9.22 -5.30 15.34
C TYR A 359 -7.94 -4.49 15.56
N GLU A 360 -7.24 -4.18 14.47
CA GLU A 360 -6.06 -3.32 14.41
C GLU A 360 -6.13 -2.60 13.08
N GLN A 361 -5.95 -1.28 13.08
CA GLN A 361 -5.99 -0.46 11.87
C GLN A 361 -4.95 -0.94 10.88
N GLU A 362 -5.41 -1.25 9.65
CA GLU A 362 -4.57 -1.70 8.54
C GLU A 362 -3.49 -0.63 8.26
N SER A 363 -2.26 -1.03 7.98
CA SER A 363 -1.09 -0.13 7.79
C SER A 363 -1.23 0.96 6.70
N LYS A 364 -2.11 0.77 5.70
CA LYS A 364 -2.21 1.72 4.61
C LYS A 364 -3.48 2.60 4.66
N ILE A 365 -4.21 2.62 5.79
CA ILE A 365 -5.44 3.41 5.93
C ILE A 365 -5.18 4.90 5.67
N MET A 366 -4.05 5.44 6.16
CA MET A 366 -3.62 6.83 5.94
C MET A 366 -3.56 7.17 4.43
N PHE A 367 -3.03 6.24 3.61
CA PHE A 367 -2.88 6.39 2.16
C PHE A 367 -4.21 6.36 1.43
N VAL A 368 -5.21 5.61 1.95
CA VAL A 368 -6.56 5.54 1.40
C VAL A 368 -7.20 6.90 1.61
N VAL A 369 -7.16 7.39 2.86
CA VAL A 369 -7.73 8.66 3.25
C VAL A 369 -7.04 9.78 2.46
N ASN A 370 -5.70 9.79 2.37
CA ASN A 370 -4.96 10.84 1.63
C ASN A 370 -5.26 10.81 0.11
N ALA A 371 -5.46 9.60 -0.47
CA ALA A 371 -5.81 9.48 -1.90
C ALA A 371 -7.18 10.18 -2.15
N VAL A 372 -8.20 9.89 -1.33
CA VAL A 372 -9.53 10.48 -1.50
C VAL A 372 -9.43 12.02 -1.34
N TYR A 373 -8.66 12.49 -0.33
CA TYR A 373 -8.47 13.92 -0.09
C TYR A 373 -7.68 14.58 -1.20
N ALA A 374 -6.69 13.87 -1.82
CA ALA A 374 -5.94 14.44 -2.96
C ALA A 374 -6.89 14.72 -4.11
N MET A 375 -7.77 13.76 -4.41
CA MET A 375 -8.79 13.94 -5.48
C MET A 375 -9.71 15.10 -5.15
N ALA A 376 -10.20 15.22 -3.89
CA ALA A 376 -11.07 16.31 -3.45
C ALA A 376 -10.38 17.67 -3.57
N HIS A 377 -9.11 17.79 -3.13
CA HIS A 377 -8.36 19.03 -3.20
C HIS A 377 -8.15 19.46 -4.65
N ALA A 378 -7.83 18.52 -5.56
CA ALA A 378 -7.62 18.81 -6.97
C ALA A 378 -8.94 19.29 -7.60
N LEU A 379 -10.07 18.66 -7.24
CA LEU A 379 -11.39 19.05 -7.75
C LEU A 379 -11.80 20.43 -7.23
N HIS A 380 -11.50 20.71 -5.94
CA HIS A 380 -11.80 21.97 -5.28
C HIS A 380 -11.09 23.13 -5.99
N LYS A 381 -9.76 23.00 -6.23
CA LYS A 381 -8.99 24.02 -6.94
C LYS A 381 -9.49 24.18 -8.40
N MET A 382 -9.89 23.08 -9.05
CA MET A 382 -10.39 23.12 -10.42
C MET A 382 -11.72 23.87 -10.49
N GLN A 383 -12.67 23.57 -9.58
CA GLN A 383 -13.96 24.25 -9.51
C GLN A 383 -13.76 25.78 -9.25
N ARG A 384 -12.82 26.16 -8.37
N ARG A 384 -12.82 26.16 -8.37
CA ARG A 384 -12.55 27.56 -8.03
CA ARG A 384 -12.54 27.55 -8.05
C ARG A 384 -12.02 28.34 -9.26
C ARG A 384 -12.04 28.32 -9.28
N THR A 385 -11.20 27.68 -10.11
CA THR A 385 -10.63 28.28 -11.31
C THR A 385 -11.65 28.32 -12.47
N LEU A 386 -12.33 27.20 -12.76
CA LEU A 386 -13.22 27.10 -13.91
C LEU A 386 -14.64 27.59 -13.68
N CYS A 387 -15.07 27.74 -12.42
CA CYS A 387 -16.43 28.20 -12.10
C CYS A 387 -16.35 29.51 -11.27
N PRO A 388 -15.95 30.65 -11.88
CA PRO A 388 -15.83 31.90 -11.09
C PRO A 388 -17.14 32.37 -10.48
N ASN A 389 -17.04 33.00 -9.31
N ASN A 389 -17.07 33.05 -9.32
CA ASN A 389 -18.14 33.61 -8.55
CA ASN A 389 -18.20 33.63 -8.57
C ASN A 389 -19.30 32.64 -8.20
C ASN A 389 -19.33 32.62 -8.19
N THR A 390 -18.98 31.33 -8.06
CA THR A 390 -19.92 30.25 -7.63
C THR A 390 -19.15 29.09 -6.94
N THR A 391 -19.85 28.36 -6.03
CA THR A 391 -19.30 27.18 -5.32
C THR A 391 -19.84 25.91 -5.96
N LYS A 392 -20.91 26.08 -6.75
CA LYS A 392 -21.60 25.00 -7.45
C LYS A 392 -20.80 24.51 -8.63
N LEU A 393 -21.09 23.28 -9.08
CA LEU A 393 -20.45 22.67 -10.22
C LEU A 393 -21.06 23.26 -11.52
N CYS A 394 -20.29 24.14 -12.20
CA CYS A 394 -20.72 24.81 -13.44
C CYS A 394 -20.55 23.88 -14.66
N ASP A 395 -21.13 24.29 -15.81
CA ASP A 395 -21.11 23.55 -17.07
C ASP A 395 -19.70 23.24 -17.54
N ALA A 396 -18.75 24.17 -17.34
CA ALA A 396 -17.35 23.96 -17.70
C ALA A 396 -16.77 22.72 -16.98
N MET A 397 -17.37 22.33 -15.85
CA MET A 397 -16.89 21.15 -15.13
C MET A 397 -17.81 19.93 -15.21
N LYS A 398 -19.05 20.07 -15.74
CA LYS A 398 -19.94 18.93 -15.93
C LYS A 398 -19.42 18.09 -17.12
N ILE A 399 -18.74 18.75 -18.06
CA ILE A 399 -18.08 18.17 -19.22
C ILE A 399 -16.62 18.22 -18.79
N LEU A 400 -16.28 17.37 -17.82
CA LEU A 400 -14.99 17.34 -17.13
C LEU A 400 -13.81 16.95 -18.00
N ASP A 401 -12.82 17.85 -18.08
CA ASP A 401 -11.56 17.65 -18.79
C ASP A 401 -10.58 16.93 -17.83
N GLY A 402 -10.48 15.62 -18.01
CA GLY A 402 -9.61 14.78 -17.19
C GLY A 402 -8.14 15.08 -17.35
N LYS A 403 -7.73 15.56 -18.54
CA LYS A 403 -6.32 15.89 -18.83
C LYS A 403 -5.89 17.09 -17.97
N LYS A 404 -6.78 18.11 -17.86
CA LYS A 404 -6.54 19.32 -17.05
C LYS A 404 -6.51 18.95 -15.56
N LEU A 405 -7.50 18.15 -15.11
CA LEU A 405 -7.59 17.67 -13.74
C LEU A 405 -6.29 17.00 -13.31
N TYR A 406 -5.75 16.11 -14.15
CA TYR A 406 -4.54 15.39 -13.80
C TYR A 406 -3.29 16.27 -13.80
N LYS A 407 -2.97 16.92 -14.93
CA LYS A 407 -1.73 17.69 -15.09
C LYS A 407 -1.70 19.02 -14.38
N ASP A 408 -2.80 19.76 -14.41
CA ASP A 408 -2.77 21.10 -13.87
C ASP A 408 -3.31 21.23 -12.46
N TYR A 409 -4.01 20.21 -11.95
CA TYR A 409 -4.57 20.29 -10.61
C TYR A 409 -4.03 19.21 -9.70
N LEU A 410 -4.31 17.92 -10.03
CA LEU A 410 -3.87 16.78 -9.20
C LEU A 410 -2.37 16.70 -9.00
N LEU A 411 -1.56 16.86 -10.05
CA LEU A 411 -0.11 16.78 -9.91
C LEU A 411 0.48 17.96 -9.15
N LYS A 412 -0.32 19.04 -8.99
CA LYS A 412 0.11 20.26 -8.32
C LYS A 412 -0.49 20.44 -6.93
N ILE A 413 -1.28 19.47 -6.38
CA ILE A 413 -1.81 19.56 -5.01
C ILE A 413 -0.64 19.58 -3.99
N ASN A 414 -0.89 20.15 -2.83
CA ASN A 414 0.08 20.27 -1.76
C ASN A 414 -0.75 20.70 -0.58
N PHE A 415 -1.04 19.76 0.31
CA PHE A 415 -1.85 20.01 1.48
C PHE A 415 -1.37 19.15 2.64
N THR A 416 -1.70 19.55 3.87
CA THR A 416 -1.41 18.84 5.11
C THR A 416 -2.38 17.66 5.17
N ALA A 417 -1.88 16.46 5.47
CA ALA A 417 -2.70 15.26 5.63
C ALA A 417 -3.82 15.59 6.66
N PRO A 418 -5.10 15.34 6.35
CA PRO A 418 -6.19 15.79 7.24
C PRO A 418 -6.24 15.23 8.66
N PHE A 419 -5.74 14.02 8.90
CA PHE A 419 -5.87 13.46 10.26
C PHE A 419 -4.50 13.05 10.87
N ASN A 420 -3.44 13.84 10.58
CA ASN A 420 -2.08 13.63 11.07
C ASN A 420 -1.84 14.39 12.38
N ASP A 426 3.30 17.77 11.05
CA ASP A 426 2.55 18.19 9.88
C ASP A 426 3.11 17.56 8.55
N SER A 427 2.56 16.38 8.14
CA SER A 427 3.00 15.66 6.93
C SER A 427 2.22 16.09 5.67
N ILE A 428 2.99 16.43 4.64
CA ILE A 428 2.53 16.96 3.37
C ILE A 428 2.11 15.88 2.39
N VAL A 429 0.95 16.08 1.75
CA VAL A 429 0.48 15.20 0.67
C VAL A 429 0.82 15.92 -0.62
N LYS A 430 1.64 15.31 -1.45
CA LYS A 430 2.02 15.88 -2.74
C LYS A 430 2.57 14.78 -3.64
N PHE A 431 2.60 15.03 -4.96
CA PHE A 431 3.11 14.06 -5.93
C PHE A 431 4.26 14.69 -6.72
N ASP A 432 5.20 13.88 -7.19
CA ASP A 432 6.26 14.41 -8.06
C ASP A 432 5.69 14.40 -9.50
N THR A 433 6.51 14.72 -10.52
CA THR A 433 6.06 14.80 -11.91
C THR A 433 5.63 13.45 -12.50
N PHE A 434 6.01 12.34 -11.85
CA PHE A 434 5.65 10.96 -12.23
C PHE A 434 4.32 10.56 -11.57
N GLY A 435 3.88 11.35 -10.59
CA GLY A 435 2.67 11.14 -9.81
C GLY A 435 2.90 10.28 -8.59
N ASP A 436 4.18 10.13 -8.20
CA ASP A 436 4.55 9.30 -7.06
C ASP A 436 4.53 10.07 -5.76
N GLY A 437 4.02 9.43 -4.70
CA GLY A 437 4.04 9.98 -3.35
C GLY A 437 5.44 9.94 -2.77
N MET A 438 5.67 10.67 -1.66
CA MET A 438 7.01 10.78 -1.05
C MET A 438 7.52 9.50 -0.34
N GLY A 439 8.76 9.12 -0.68
CA GLY A 439 9.45 7.96 -0.11
C GLY A 439 9.83 8.12 1.35
N ARG A 440 8.97 7.65 2.29
CA ARG A 440 9.22 7.73 3.74
C ARG A 440 9.20 6.32 4.38
N TYR A 441 10.38 5.83 4.79
CA TYR A 441 10.48 4.50 5.39
C TYR A 441 11.03 4.51 6.80
N ASN A 442 10.50 3.64 7.66
CA ASN A 442 11.03 3.44 9.01
C ASN A 442 12.14 2.40 8.92
N VAL A 443 13.18 2.51 9.77
CA VAL A 443 14.30 1.55 9.79
C VAL A 443 14.21 0.72 11.09
N PHE A 444 14.10 -0.61 10.94
CA PHE A 444 14.02 -1.51 12.10
C PHE A 444 15.29 -2.36 12.31
N ASN A 445 15.53 -2.74 13.57
CA ASN A 445 16.64 -3.59 13.98
C ASN A 445 16.11 -4.72 14.85
N PHE A 446 16.34 -5.97 14.43
CA PHE A 446 15.90 -7.16 15.16
C PHE A 446 16.89 -7.47 16.29
N GLN A 447 16.42 -7.36 17.54
CA GLN A 447 17.20 -7.51 18.75
C GLN A 447 16.38 -8.09 19.93
N ASN A 448 17.09 -8.42 21.03
CA ASN A 448 16.51 -8.93 22.27
C ASN A 448 16.90 -8.00 23.41
N VAL A 449 15.87 -7.44 24.09
CA VAL A 449 16.04 -6.59 25.27
C VAL A 449 14.93 -6.98 26.27
N GLY A 450 15.35 -7.51 27.43
CA GLY A 450 14.45 -7.93 28.51
C GLY A 450 13.77 -9.27 28.28
N GLY A 451 14.51 -10.22 27.70
CA GLY A 451 14.04 -11.57 27.41
C GLY A 451 12.89 -11.66 26.44
N LYS A 452 12.84 -10.70 25.49
CA LYS A 452 11.81 -10.59 24.47
C LYS A 452 12.44 -10.15 23.16
N TYR A 453 12.13 -10.87 22.07
CA TYR A 453 12.62 -10.53 20.75
C TYR A 453 11.61 -9.61 20.09
N SER A 454 12.07 -8.44 19.65
CA SER A 454 11.20 -7.49 18.96
C SER A 454 11.98 -6.73 17.89
N TYR A 455 11.23 -6.09 16.99
CA TYR A 455 11.83 -5.25 15.98
C TYR A 455 11.82 -3.86 16.56
N LEU A 456 12.99 -3.22 16.65
CA LEU A 456 13.06 -1.88 17.21
C LEU A 456 13.27 -0.81 16.15
N LYS A 457 12.44 0.25 16.20
CA LYS A 457 12.52 1.41 15.32
C LYS A 457 13.79 2.16 15.69
N VAL A 458 14.83 2.08 14.85
CA VAL A 458 16.13 2.69 15.10
C VAL A 458 16.47 3.82 14.08
N GLY A 459 15.51 4.17 13.23
CA GLY A 459 15.73 5.20 12.22
C GLY A 459 14.61 5.46 11.23
N HIS A 460 14.86 6.37 10.27
N HIS A 460 14.88 6.35 10.27
CA HIS A 460 13.90 6.82 9.25
CA HIS A 460 13.96 6.71 9.20
C HIS A 460 14.62 7.36 8.00
C HIS A 460 14.70 7.21 7.96
N TRP A 461 14.07 7.08 6.80
CA TRP A 461 14.60 7.57 5.51
C TRP A 461 13.48 8.33 4.80
N ALA A 462 13.74 9.60 4.44
CA ALA A 462 12.77 10.46 3.74
C ALA A 462 13.35 10.90 2.41
N GLU A 463 14.58 11.39 2.43
CA GLU A 463 15.37 11.82 1.29
C GLU A 463 16.81 11.72 1.78
N THR A 464 16.94 11.82 3.12
CA THR A 464 18.16 11.72 3.90
C THR A 464 17.91 10.65 4.97
N LEU A 465 18.93 9.83 5.25
CA LEU A 465 18.88 8.78 6.27
C LEU A 465 19.09 9.44 7.63
N SER A 466 18.39 8.94 8.64
CA SER A 466 18.47 9.40 10.03
C SER A 466 18.48 8.16 10.92
N LEU A 467 19.62 7.87 11.57
CA LEU A 467 19.76 6.69 12.43
C LEU A 467 20.18 7.02 13.86
N ASP A 468 19.63 6.26 14.82
CA ASP A 468 19.99 6.32 16.24
C ASP A 468 20.97 5.15 16.47
N VAL A 469 22.20 5.29 15.89
CA VAL A 469 23.31 4.31 15.85
C VAL A 469 23.59 3.59 17.16
N ASN A 470 23.49 4.30 18.30
CA ASN A 470 23.76 3.75 19.64
C ASN A 470 22.62 2.85 20.19
N SER A 471 21.63 2.52 19.35
CA SER A 471 20.51 1.64 19.70
C SER A 471 20.49 0.38 18.82
N ILE A 472 21.41 0.30 17.84
CA ILE A 472 21.54 -0.81 16.92
C ILE A 472 22.39 -1.96 17.51
N HIS A 473 21.87 -3.21 17.39
CA HIS A 473 22.54 -4.45 17.79
C HIS A 473 23.10 -5.09 16.50
N TRP A 474 24.22 -5.80 16.62
CA TRP A 474 24.86 -6.43 15.45
C TRP A 474 24.93 -7.95 15.60
N SER A 475 25.32 -8.68 14.53
CA SER A 475 25.53 -10.13 14.52
C SER A 475 26.26 -10.57 13.25
S SO4 B . 0.82 -4.48 -20.08
O1 SO4 B . -0.51 -4.38 -19.53
O2 SO4 B . 1.08 -3.34 -20.99
O3 SO4 B . 1.80 -4.43 -19.00
O4 SO4 B . 0.93 -5.76 -20.79
S SO4 C . -6.67 -13.13 -13.50
O1 SO4 C . -6.51 -14.42 -14.18
O2 SO4 C . -8.10 -12.83 -13.46
O3 SO4 C . -6.14 -13.22 -12.14
O4 SO4 C . -5.92 -12.08 -14.21
S SO4 D . 4.36 -13.57 -0.18
O1 SO4 D . 3.62 -13.83 -1.42
O2 SO4 D . 3.54 -13.98 0.97
O3 SO4 D . 5.59 -14.35 -0.19
O4 SO4 D . 4.69 -12.12 -0.08
S SO4 E . 3.79 -10.58 12.34
O1 SO4 E . 4.41 -11.82 11.85
O2 SO4 E . 2.50 -10.90 12.96
O3 SO4 E . 4.67 -9.92 13.32
O4 SO4 E . 3.57 -9.67 11.21
S SO4 F . 10.34 15.69 -9.90
O1 SO4 F . 9.48 14.68 -10.50
O2 SO4 F . 9.57 16.47 -8.89
O3 SO4 F . 11.48 15.01 -9.27
O4 SO4 F . 10.83 16.61 -10.93
NAA Z99 G . 2.28 -2.79 -2.57
OAB Z99 G . -2.19 -3.88 -0.92
OAC Z99 G . 1.16 -4.98 -5.23
OAD Z99 G . -0.81 -3.36 0.73
OAE Z99 G . 2.01 -2.92 -5.18
CAF Z99 G . 6.34 -7.97 -0.71
CAG Z99 G . 4.73 -6.27 -7.27
CAH Z99 G . 6.25 -6.63 -0.28
CAI Z99 G . 4.62 -4.91 -6.97
CAJ Z99 G . 5.75 -8.33 -1.93
CAK Z99 G . 4.69 -7.22 -6.24
CAL Z99 G . 5.58 -5.68 -1.06
CAM Z99 G . 4.52 -4.51 -5.63
CAN Z99 G . 2.69 -5.23 -2.74
CAO Z99 G . -0.22 -5.59 -2.18
OAP Z99 G . 4.50 -7.76 -3.91
CAQ Z99 G . -1.06 -3.86 -0.38
CAR Z99 G . 1.63 -3.98 -4.64
CAS Z99 G . 5.08 -7.38 -2.72
CAT Z99 G . 4.55 -6.82 -4.91
CAU Z99 G . 5.01 -6.04 -2.29
CAV Z99 G . 4.42 -5.46 -4.61
CAW Z99 G . 4.21 -5.04 -3.14
CAX Z99 G . 0.12 -4.53 -1.10
CAY Z99 G . 1.74 -4.05 -3.12
CAZ Z99 G . 0.28 -4.20 -2.60
CL CL H . -6.90 -4.74 -5.97
CL CL I . 6.17 -10.32 -7.69
#